data_7BPS
#
_entry.id   7BPS
#
_cell.length_a   138.600
_cell.length_b   211.545
_cell.length_c   37.286
_cell.angle_alpha   90.000
_cell.angle_beta   90.000
_cell.angle_gamma   90.000
#
_symmetry.space_group_name_H-M   'C 2 2 21'
#
loop_
_entity.id
_entity.type
_entity.pdbx_description
1 polymer 'Testis-expressed protein 101'
2 branched alpha-L-fucopyranose-(1-6)-2-acetamido-2-deoxy-beta-D-glucopyranose
3 branched 2-acetamido-2-deoxy-beta-D-glucopyranose-(1-4)-[alpha-L-fucopyranose-(1-6)]2-acetamido-2-deoxy-beta-D-glucopyranose
4 non-polymer 'SULFATE ION'
5 water water
#
_entity_poly.entity_id   1
_entity_poly.type   'polypeptide(L)'
_entity_poly.pdbx_seq_one_letter_code
;RSPWTYCQVSQTLSLEDDPGRTFNWTSKAEQCNPGELCQETVLLIKADGTRTVVLASKSCVSQGGEAVTFIQYTAPPGLV
AISYSNYCNDSLCNNKDSLASVWRVPETTATSNMSGTRHCPTCVALGSCSSAPSMPCANGTTQCYQGRLEFSGGGMDATV
QVKGCTTTIGCRLMAMIDSVGPMTVKETCSYQSFLQPRKAEIGEFLEVLFQ
;
_entity_poly.pdbx_strand_id   A,B
#
loop_
_chem_comp.id
_chem_comp.type
_chem_comp.name
_chem_comp.formula
FUC L-saccharide, alpha linking alpha-L-fucopyranose 'C6 H12 O5'
NAG D-saccharide, beta linking 2-acetamido-2-deoxy-beta-D-glucopyranose 'C8 H15 N O6'
SO4 non-polymer 'SULFATE ION' 'O4 S -2'
#
# COMPACT_ATOMS: atom_id res chain seq x y z
N THR A 5 -24.57 2.82 0.47
CA THR A 5 -25.06 3.69 -0.63
C THR A 5 -24.99 5.19 -0.27
N TYR A 6 -24.60 5.59 0.96
CA TYR A 6 -24.12 6.96 1.26
C TYR A 6 -22.63 6.94 1.57
N CYS A 7 -21.90 7.92 1.02
CA CYS A 7 -20.44 8.14 1.25
C CYS A 7 -20.18 9.61 1.56
N GLN A 8 -19.15 9.92 2.35
CA GLN A 8 -18.60 11.28 2.41
C GLN A 8 -18.06 11.64 1.02
N VAL A 9 -18.24 12.90 0.61
CA VAL A 9 -17.82 13.41 -0.73
C VAL A 9 -17.15 14.79 -0.54
N SER A 10 -15.94 14.93 -1.10
CA SER A 10 -15.13 16.16 -1.09
C SER A 10 -13.92 15.96 -1.98
N GLN A 11 -13.56 17.01 -2.71
CA GLN A 11 -12.30 17.10 -3.48
C GLN A 11 -11.64 18.39 -3.03
N THR A 12 -10.46 18.31 -2.42
CA THR A 12 -9.69 19.47 -1.92
C THR A 12 -8.23 19.36 -2.38
N LEU A 13 -7.66 20.51 -2.68
CA LEU A 13 -6.24 20.77 -2.91
C LEU A 13 -5.84 21.89 -1.96
N SER A 14 -4.74 21.73 -1.24
CA SER A 14 -4.24 22.75 -0.29
C SER A 14 -2.75 22.59 -0.05
N LEU A 15 -2.14 23.71 0.35
CA LEU A 15 -0.79 23.76 0.96
C LEU A 15 -0.98 23.88 2.46
N GLU A 16 -0.26 23.09 3.21
CA GLU A 16 -0.63 22.77 4.61
C GLU A 16 0.69 22.88 5.40
N ASP A 17 0.66 23.68 6.46
CA ASP A 17 1.80 23.84 7.40
C ASP A 17 2.08 22.50 8.12
N ASP A 18 1.06 21.95 8.76
CA ASP A 18 1.18 20.80 9.68
C ASP A 18 -0.06 19.93 9.48
N PRO A 19 -0.19 19.27 8.31
CA PRO A 19 -1.42 18.54 7.97
C PRO A 19 -1.71 17.38 8.92
N GLY A 20 -0.67 16.77 9.50
CA GLY A 20 -0.79 15.79 10.59
C GLY A 20 -1.68 16.28 11.73
N ARG A 21 -1.51 17.53 12.17
CA ARG A 21 -2.23 18.13 13.32
C ARG A 21 -3.60 18.67 12.86
N THR A 22 -3.61 19.56 11.86
CA THR A 22 -4.67 20.58 11.64
C THR A 22 -5.75 20.12 10.65
N PHE A 23 -5.47 19.16 9.77
CA PHE A 23 -6.31 18.84 8.59
C PHE A 23 -7.57 18.12 9.04
N ASN A 24 -8.72 18.74 8.82
CA ASN A 24 -10.07 18.16 9.06
C ASN A 24 -10.62 17.58 7.75
N TRP A 25 -10.66 16.25 7.62
CA TRP A 25 -11.09 15.50 6.40
C TRP A 25 -12.58 15.11 6.46
N THR A 26 -13.26 15.32 7.58
CA THR A 26 -14.73 15.12 7.72
C THR A 26 -15.45 15.98 6.68
N SER A 27 -16.30 15.36 5.88
CA SER A 27 -16.98 15.93 4.70
C SER A 27 -18.48 15.55 4.75
N LYS A 28 -19.32 16.27 4.00
CA LYS A 28 -20.79 16.03 3.90
C LYS A 28 -21.02 14.71 3.18
N ALA A 29 -22.08 13.98 3.54
CA ALA A 29 -22.53 12.72 2.88
C ALA A 29 -23.37 13.04 1.64
N GLU A 30 -23.38 12.14 0.67
CA GLU A 30 -24.20 12.20 -0.57
C GLU A 30 -24.60 10.77 -0.90
N GLN A 31 -25.72 10.60 -1.61
CA GLN A 31 -26.23 9.27 -2.01
C GLN A 31 -25.45 8.82 -3.23
N CYS A 32 -24.91 7.60 -3.19
CA CYS A 32 -24.25 6.93 -4.35
C CYS A 32 -25.34 6.30 -5.22
N ASN A 33 -25.07 6.06 -6.50
CA ASN A 33 -25.84 5.10 -7.32
C ASN A 33 -25.75 3.73 -6.66
N PRO A 34 -26.66 2.77 -6.99
CA PRO A 34 -26.57 1.42 -6.41
C PRO A 34 -25.33 0.66 -6.91
N GLY A 35 -24.86 -0.33 -6.13
CA GLY A 35 -23.62 -1.08 -6.46
C GLY A 35 -22.41 -0.18 -6.65
N GLU A 36 -22.32 0.86 -5.80
CA GLU A 36 -21.15 1.74 -5.58
C GLU A 36 -20.73 1.64 -4.10
N LEU A 37 -19.43 1.76 -3.84
CA LEU A 37 -18.89 1.84 -2.46
C LEU A 37 -18.22 3.20 -2.26
N CYS A 38 -17.71 3.44 -1.05
CA CYS A 38 -17.00 4.67 -0.65
C CYS A 38 -15.48 4.51 -0.83
N GLN A 39 -14.78 5.61 -1.05
CA GLN A 39 -13.30 5.67 -0.91
C GLN A 39 -12.92 6.98 -0.22
N GLU A 40 -11.80 6.95 0.51
CA GLU A 40 -11.08 8.15 0.99
C GLU A 40 -9.62 7.95 0.60
N THR A 41 -9.09 8.86 -0.21
CA THR A 41 -7.70 8.80 -0.72
C THR A 41 -7.05 10.16 -0.51
N VAL A 42 -5.88 10.19 0.11
CA VAL A 42 -5.10 11.45 0.28
C VAL A 42 -3.68 11.18 -0.17
N LEU A 43 -3.08 12.14 -0.88
CA LEU A 43 -1.65 12.16 -1.26
C LEU A 43 -1.03 13.42 -0.67
N LEU A 44 0.13 13.28 -0.02
CA LEU A 44 0.85 14.40 0.63
C LEU A 44 2.24 14.48 0.04
N ILE A 45 2.64 15.64 -0.44
CA ILE A 45 3.97 15.86 -1.09
C ILE A 45 4.63 17.09 -0.47
N LYS A 46 5.90 16.94 -0.13
CA LYS A 46 6.71 17.90 0.65
C LYS A 46 8.12 17.90 0.04
N ALA A 47 8.76 19.06 -0.02
CA ALA A 47 10.22 19.15 -0.19
C ALA A 47 10.82 19.56 1.15
N ASP A 48 12.15 19.52 1.26
CA ASP A 48 12.86 19.95 2.48
C ASP A 48 12.44 21.38 2.81
N GLY A 49 11.95 21.61 4.02
CA GLY A 49 11.62 22.96 4.52
C GLY A 49 10.37 23.58 3.87
N THR A 50 9.57 22.86 3.07
CA THR A 50 8.39 23.50 2.41
C THR A 50 7.12 23.19 3.19
N ARG A 51 6.01 23.80 2.80
CA ARG A 51 4.68 23.28 3.19
C ARG A 51 4.44 21.96 2.44
N THR A 52 3.33 21.32 2.77
CA THR A 52 2.93 20.01 2.20
C THR A 52 1.72 20.23 1.29
N VAL A 53 1.83 19.75 0.05
CA VAL A 53 0.67 19.72 -0.88
C VAL A 53 -0.22 18.55 -0.44
N VAL A 54 -1.52 18.79 -0.29
CA VAL A 54 -2.52 17.76 0.08
C VAL A 54 -3.61 17.70 -1.01
N LEU A 55 -3.65 16.56 -1.72
CA LEU A 55 -4.73 16.13 -2.64
C LEU A 55 -5.57 15.12 -1.86
N ALA A 56 -6.76 15.52 -1.43
CA ALA A 56 -7.69 14.72 -0.61
C ALA A 56 -9.02 14.53 -1.37
N SER A 57 -9.37 13.27 -1.59
CA SER A 57 -10.59 12.82 -2.31
C SER A 57 -11.43 11.90 -1.43
N LYS A 58 -12.72 12.22 -1.28
CA LYS A 58 -13.77 11.30 -0.80
C LYS A 58 -14.89 11.26 -1.83
N SER A 59 -15.39 10.06 -2.15
CA SER A 59 -16.43 9.86 -3.19
C SER A 59 -17.06 8.47 -3.13
N CYS A 60 -18.20 8.38 -3.80
CA CYS A 60 -18.79 7.15 -4.35
C CYS A 60 -17.88 6.67 -5.47
N VAL A 61 -17.72 5.37 -5.61
CA VAL A 61 -16.89 4.78 -6.69
C VAL A 61 -17.47 3.41 -7.04
N SER A 62 -17.35 2.98 -8.30
CA SER A 62 -17.93 1.68 -8.79
C SER A 62 -16.83 0.61 -8.89
N GLN A 63 -15.61 0.96 -9.26
CA GLN A 63 -14.50 0.00 -9.39
C GLN A 63 -13.76 -0.16 -8.05
N GLY A 64 -13.34 -1.38 -7.71
CA GLY A 64 -12.36 -1.66 -6.65
C GLY A 64 -12.92 -2.55 -5.56
N GLY A 65 -12.01 -3.21 -4.82
CA GLY A 65 -12.26 -3.92 -3.56
C GLY A 65 -12.10 -3.02 -2.34
N GLU A 66 -12.11 -3.63 -1.14
CA GLU A 66 -12.13 -2.92 0.16
C GLU A 66 -10.73 -2.90 0.78
N ALA A 67 -9.68 -2.81 -0.02
CA ALA A 67 -8.30 -2.67 0.51
C ALA A 67 -8.10 -1.29 1.15
N VAL A 68 -7.30 -1.28 2.20
CA VAL A 68 -6.63 -0.08 2.77
C VAL A 68 -5.16 -0.14 2.33
N THR A 69 -4.69 0.89 1.61
CA THR A 69 -3.33 0.97 1.05
C THR A 69 -2.61 2.20 1.60
N PHE A 70 -1.44 2.00 2.22
CA PHE A 70 -0.52 3.08 2.65
C PHE A 70 0.76 2.96 1.83
N ILE A 71 1.16 4.00 1.10
CA ILE A 71 2.40 3.97 0.27
C ILE A 71 3.27 5.18 0.62
N GLN A 72 4.56 4.91 0.83
CA GLN A 72 5.62 5.93 0.76
C GLN A 72 6.32 5.76 -0.60
N TYR A 73 6.10 6.70 -1.51
CA TYR A 73 6.63 6.63 -2.90
C TYR A 73 8.12 6.94 -2.83
N THR A 74 8.45 7.99 -2.10
CA THR A 74 9.81 8.54 -1.98
C THR A 74 10.05 8.88 -0.51
N ALA A 75 11.20 8.51 0.03
CA ALA A 75 11.53 8.64 1.47
C ALA A 75 12.44 9.84 1.69
N PRO A 76 12.38 10.46 2.87
CA PRO A 76 13.34 11.49 3.25
C PRO A 76 14.72 10.86 3.32
N PRO A 77 15.82 11.64 3.32
CA PRO A 77 15.74 13.11 3.29
C PRO A 77 15.35 13.72 1.94
N GLY A 78 14.85 14.95 1.99
CA GLY A 78 14.47 15.76 0.83
C GLY A 78 12.98 15.66 0.50
N LEU A 79 12.69 15.30 -0.75
CA LEU A 79 11.30 15.08 -1.22
C LEU A 79 10.69 13.87 -0.49
N VAL A 80 9.43 14.00 -0.12
CA VAL A 80 8.62 12.94 0.53
C VAL A 80 7.26 12.93 -0.17
N ALA A 81 6.82 11.76 -0.63
CA ALA A 81 5.47 11.57 -1.17
C ALA A 81 4.88 10.34 -0.49
N ILE A 82 3.68 10.48 0.10
CA ILE A 82 2.99 9.43 0.88
C ILE A 82 1.50 9.45 0.55
N SER A 83 0.85 8.29 0.44
CA SER A 83 -0.61 8.22 0.23
C SER A 83 -1.26 7.24 1.20
N TYR A 84 -2.50 7.53 1.57
CA TYR A 84 -3.45 6.63 2.24
C TYR A 84 -4.72 6.53 1.40
N SER A 85 -5.17 5.30 1.11
CA SER A 85 -6.38 5.01 0.31
C SER A 85 -7.18 3.88 0.98
N ASN A 86 -8.39 4.22 1.40
CA ASN A 86 -9.34 3.28 2.03
C ASN A 86 -10.60 3.23 1.18
N TYR A 87 -10.74 2.15 0.40
CA TYR A 87 -11.99 1.74 -0.26
C TYR A 87 -12.78 0.81 0.69
N CYS A 88 -14.07 1.07 0.87
CA CYS A 88 -14.91 0.40 1.88
C CYS A 88 -16.38 0.46 1.46
N ASN A 89 -17.12 -0.59 1.81
CA ASN A 89 -18.40 -0.94 1.17
C ASN A 89 -19.53 -1.00 2.19
N ASP A 90 -19.64 0.00 3.06
CA ASP A 90 -20.86 0.25 3.87
C ASP A 90 -21.00 1.75 4.12
N SER A 91 -22.24 2.19 4.22
CA SER A 91 -22.64 3.61 4.22
C SER A 91 -21.78 4.38 5.24
N LEU A 92 -21.22 5.51 4.80
CA LEU A 92 -20.46 6.48 5.64
C LEU A 92 -19.17 5.84 6.18
N CYS A 93 -18.63 4.81 5.54
CA CYS A 93 -17.41 4.11 6.04
C CYS A 93 -16.17 4.99 5.81
N ASN A 94 -16.15 5.83 4.77
CA ASN A 94 -15.02 6.72 4.42
C ASN A 94 -15.07 7.97 5.31
N ASN A 95 -14.84 7.78 6.61
CA ASN A 95 -15.14 8.78 7.66
C ASN A 95 -13.86 9.20 8.42
N LYS A 96 -12.68 8.90 7.89
CA LYS A 96 -11.41 9.38 8.51
C LYS A 96 -11.48 10.92 8.61
N ASP A 97 -11.17 11.49 9.77
CA ASP A 97 -11.34 12.94 10.06
C ASP A 97 -9.97 13.63 10.02
N SER A 98 -8.90 12.88 10.23
CA SER A 98 -7.55 13.39 10.60
C SER A 98 -6.49 12.57 9.86
N LEU A 99 -5.37 13.21 9.54
CA LEU A 99 -4.22 12.60 8.81
C LEU A 99 -3.10 12.23 9.77
N ALA A 100 -3.38 12.21 11.08
CA ALA A 100 -2.35 12.00 12.13
C ALA A 100 -1.66 10.63 11.91
N SER A 101 -2.43 9.58 11.62
CA SER A 101 -1.90 8.20 11.42
C SER A 101 -1.27 8.04 10.03
N VAL A 102 -1.26 9.06 9.18
CA VAL A 102 -0.84 8.96 7.75
C VAL A 102 0.54 9.59 7.58
N TRP A 103 0.80 10.76 8.17
CA TRP A 103 1.91 11.68 7.76
C TRP A 103 2.96 11.79 8.87
N GLY A 116 32.29 19.58 0.66
CA GLY A 116 31.76 19.45 -0.71
C GLY A 116 30.31 18.98 -0.76
N THR A 117 29.40 19.77 -0.16
CA THR A 117 27.94 19.45 -0.05
C THR A 117 27.21 19.99 -1.30
N ARG A 118 26.18 19.27 -1.74
CA ARG A 118 25.36 19.60 -2.92
C ARG A 118 24.24 20.54 -2.48
N HIS A 119 23.75 21.34 -3.41
CA HIS A 119 22.61 22.30 -3.26
C HIS A 119 21.64 22.10 -4.44
N CYS A 120 20.34 22.26 -4.21
CA CYS A 120 19.27 22.12 -5.23
C CYS A 120 18.21 23.18 -4.97
N PRO A 121 17.71 23.80 -6.07
CA PRO A 121 16.51 24.62 -6.01
C PRO A 121 15.40 23.76 -5.42
N THR A 122 14.67 24.32 -4.47
CA THR A 122 13.72 23.58 -3.62
C THR A 122 12.38 24.31 -3.59
N CYS A 123 11.29 23.60 -3.88
CA CYS A 123 9.92 24.17 -3.74
C CYS A 123 8.87 23.07 -3.93
N VAL A 124 7.65 23.37 -3.48
CA VAL A 124 6.42 22.65 -3.87
C VAL A 124 5.34 23.70 -4.07
N ALA A 125 4.46 23.44 -5.03
CA ALA A 125 3.30 24.30 -5.29
C ALA A 125 2.29 23.54 -6.15
N LEU A 126 1.02 23.81 -5.89
CA LEU A 126 -0.07 23.59 -6.86
C LEU A 126 0.13 24.64 -7.95
N GLY A 127 0.24 24.17 -9.19
CA GLY A 127 0.60 25.01 -10.34
C GLY A 127 2.09 25.11 -10.48
N SER A 128 2.61 26.32 -10.30
CA SER A 128 4.05 26.63 -10.43
C SER A 128 4.53 27.30 -9.15
N CYS A 129 5.74 26.94 -8.73
CA CYS A 129 6.46 27.60 -7.60
C CYS A 129 6.66 29.06 -8.00
N SER A 130 6.40 29.99 -7.07
CA SER A 130 6.74 31.41 -7.25
C SER A 130 8.27 31.60 -7.17
N SER A 131 8.97 30.71 -6.46
CA SER A 131 10.45 30.74 -6.29
C SER A 131 10.93 29.35 -5.86
N ALA A 132 12.23 29.12 -5.96
CA ALA A 132 12.88 27.84 -5.61
C ALA A 132 14.26 28.15 -5.07
N PRO A 133 14.33 28.67 -3.83
CA PRO A 133 15.64 28.98 -3.24
C PRO A 133 16.49 27.70 -3.16
N SER A 134 17.78 27.86 -3.30
CA SER A 134 18.77 26.75 -3.22
C SER A 134 18.90 26.28 -1.75
N MET A 135 18.86 24.98 -1.54
CA MET A 135 19.06 24.36 -0.18
C MET A 135 20.15 23.30 -0.26
N PRO A 136 20.95 23.14 0.82
CA PRO A 136 21.95 22.09 0.87
C PRO A 136 21.26 20.74 1.01
N CYS A 137 21.77 19.75 0.31
CA CYS A 137 21.26 18.36 0.30
C CYS A 137 21.87 17.57 1.46
N ALA A 138 21.06 16.81 2.19
CA ALA A 138 21.49 15.92 3.29
C ALA A 138 22.25 14.74 2.70
N ASN A 139 23.05 14.07 3.54
CA ASN A 139 23.68 12.76 3.22
C ASN A 139 22.57 11.79 2.82
N GLY A 140 22.75 11.06 1.73
CA GLY A 140 21.76 10.05 1.30
C GLY A 140 20.96 10.52 0.10
N THR A 141 20.93 11.82 -0.21
CA THR A 141 20.27 12.34 -1.44
C THR A 141 21.15 11.92 -2.61
N THR A 142 20.54 11.58 -3.74
CA THR A 142 21.24 11.08 -4.94
C THR A 142 21.27 12.16 -6.03
N GLN A 143 20.42 13.17 -6.01
CA GLN A 143 20.19 14.06 -7.21
C GLN A 143 19.45 15.34 -6.84
N CYS A 144 19.58 16.38 -7.67
CA CYS A 144 18.59 17.47 -7.77
C CYS A 144 17.49 17.01 -8.70
N TYR A 145 16.26 17.35 -8.35
CA TYR A 145 15.02 16.98 -9.07
C TYR A 145 14.21 18.26 -9.29
N GLN A 146 13.75 18.44 -10.53
CA GLN A 146 12.75 19.47 -10.95
C GLN A 146 11.67 18.73 -11.72
N GLY A 147 10.50 18.53 -11.13
CA GLY A 147 9.43 17.71 -11.70
C GLY A 147 8.08 18.39 -11.70
N ARG A 148 7.16 17.78 -12.44
CA ARG A 148 5.75 18.21 -12.59
C ARG A 148 4.92 16.93 -12.48
N LEU A 149 3.92 16.96 -11.59
CA LEU A 149 2.97 15.85 -11.39
C LEU A 149 1.63 16.31 -11.93
N GLU A 150 1.08 15.55 -12.87
CA GLU A 150 -0.22 15.78 -13.54
C GLU A 150 -1.22 14.80 -12.92
N PHE A 151 -2.24 15.28 -12.23
CA PHE A 151 -3.32 14.44 -11.65
C PHE A 151 -4.63 14.63 -12.42
N SER A 152 -5.34 13.54 -12.66
CA SER A 152 -6.61 13.53 -13.43
C SER A 152 -7.54 12.47 -12.86
N GLY A 153 -8.84 12.66 -13.04
CA GLY A 153 -9.87 11.74 -12.54
C GLY A 153 -10.33 12.19 -11.19
N GLY A 154 -11.51 11.71 -10.79
CA GLY A 154 -12.06 11.79 -9.43
C GLY A 154 -12.41 13.20 -9.06
N GLY A 155 -12.55 14.11 -10.03
CA GLY A 155 -12.78 15.55 -9.77
C GLY A 155 -11.57 16.20 -9.10
N MET A 156 -10.36 15.64 -9.34
CA MET A 156 -9.11 15.99 -8.61
C MET A 156 -8.06 16.52 -9.58
N ASP A 157 -8.43 16.99 -10.77
CA ASP A 157 -7.48 17.40 -11.85
C ASP A 157 -6.61 18.55 -11.34
N ALA A 158 -5.28 18.39 -11.41
CA ALA A 158 -4.30 19.31 -10.77
C ALA A 158 -2.90 19.09 -11.34
N THR A 159 -2.02 20.07 -11.22
CA THR A 159 -0.54 19.92 -11.38
C THR A 159 0.16 20.38 -10.09
N VAL A 160 1.27 19.71 -9.81
CA VAL A 160 2.15 20.00 -8.66
C VAL A 160 3.55 20.14 -9.23
N GLN A 161 4.18 21.29 -8.99
CA GLN A 161 5.61 21.46 -9.28
C GLN A 161 6.40 21.14 -7.99
N VAL A 162 7.45 20.33 -8.15
CA VAL A 162 8.28 19.82 -7.02
C VAL A 162 9.75 19.92 -7.44
N LYS A 163 10.53 20.68 -6.68
CA LYS A 163 12.01 20.75 -6.86
C LYS A 163 12.69 20.47 -5.54
N GLY A 164 13.84 19.79 -5.57
CA GLY A 164 14.69 19.68 -4.37
C GLY A 164 15.69 18.55 -4.45
N CYS A 165 16.53 18.46 -3.42
CA CYS A 165 17.34 17.27 -3.11
C CYS A 165 16.40 16.09 -2.86
N THR A 166 16.73 14.91 -3.42
CA THR A 166 15.88 13.72 -3.21
C THR A 166 16.73 12.46 -3.17
N THR A 167 16.19 11.41 -2.56
CA THR A 167 16.72 10.02 -2.56
C THR A 167 16.31 9.29 -3.84
N THR A 168 15.25 9.74 -4.53
CA THR A 168 14.74 8.99 -5.71
C THR A 168 15.73 9.18 -6.88
N ILE A 169 15.67 8.27 -7.85
CA ILE A 169 16.65 8.19 -8.96
C ILE A 169 15.87 8.39 -10.25
N GLY A 170 16.27 9.39 -11.03
CA GLY A 170 15.52 9.85 -12.22
C GLY A 170 14.16 10.40 -11.85
N CYS A 171 13.20 10.29 -12.77
CA CYS A 171 11.87 10.93 -12.64
C CYS A 171 10.92 9.99 -11.90
N ARG A 172 11.22 9.70 -10.63
CA ARG A 172 10.54 8.60 -9.86
C ARG A 172 10.15 9.09 -8.46
N LEU A 173 9.80 10.37 -8.34
CA LEU A 173 9.15 10.90 -7.13
C LEU A 173 7.93 10.01 -6.81
N MET A 174 7.13 9.65 -7.82
CA MET A 174 5.91 8.86 -7.58
C MET A 174 6.19 7.37 -7.84
N ALA A 175 7.46 6.97 -7.80
CA ALA A 175 7.94 5.57 -7.86
C ALA A 175 7.29 4.81 -9.03
N MET A 176 7.01 5.49 -10.14
CA MET A 176 6.54 4.83 -11.39
C MET A 176 5.16 4.20 -11.12
N ILE A 177 4.45 4.68 -10.10
CA ILE A 177 3.04 4.27 -9.86
C ILE A 177 2.12 5.28 -10.57
N ASP A 178 1.19 4.77 -11.37
CA ASP A 178 0.31 5.48 -12.35
C ASP A 178 -0.97 5.96 -11.67
N SER A 179 -1.31 5.46 -10.48
CA SER A 179 -2.64 5.80 -9.92
C SER A 179 -2.65 5.70 -8.42
N VAL A 180 -3.54 6.49 -7.84
CA VAL A 180 -3.64 6.74 -6.39
C VAL A 180 -5.14 6.89 -6.13
N GLY A 181 -5.74 5.81 -5.67
CA GLY A 181 -7.19 5.70 -5.53
C GLY A 181 -7.86 6.07 -6.86
N PRO A 182 -8.75 7.07 -6.89
CA PRO A 182 -9.46 7.42 -8.12
C PRO A 182 -8.64 8.33 -9.05
N MET A 183 -7.42 8.72 -8.65
CA MET A 183 -6.58 9.68 -9.41
C MET A 183 -5.58 8.92 -10.27
N THR A 184 -5.30 9.44 -11.45
CA THR A 184 -4.19 9.01 -12.35
C THR A 184 -3.07 10.03 -12.20
N VAL A 185 -1.82 9.59 -12.32
CA VAL A 185 -0.58 10.41 -12.15
C VAL A 185 0.30 10.24 -13.37
N LYS A 186 0.75 11.35 -13.93
CA LYS A 186 1.86 11.42 -14.90
C LYS A 186 2.98 12.24 -14.25
N GLU A 187 4.22 11.80 -14.39
CA GLU A 187 5.39 12.48 -13.80
C GLU A 187 6.33 12.79 -14.95
N THR A 188 6.82 14.02 -15.04
CA THR A 188 7.90 14.41 -15.97
C THR A 188 8.91 15.16 -15.10
N CYS A 189 10.19 15.13 -15.45
CA CYS A 189 11.21 15.82 -14.64
C CYS A 189 12.49 16.07 -15.43
N SER A 190 13.28 16.99 -14.91
CA SER A 190 14.76 17.02 -15.02
C SER A 190 15.37 16.57 -13.70
N TYR A 191 16.57 16.03 -13.79
CA TYR A 191 17.35 15.61 -12.61
C TYR A 191 18.83 15.72 -12.96
N GLN A 192 19.64 15.97 -11.94
CA GLN A 192 21.11 16.04 -12.04
C GLN A 192 21.63 15.13 -10.93
N SER A 193 22.06 13.92 -11.28
CA SER A 193 22.67 12.91 -10.36
C SER A 193 23.97 13.49 -9.81
N PHE A 194 24.28 13.10 -8.57
CA PHE A 194 25.61 13.23 -7.94
C PHE A 194 26.36 11.92 -8.22
N THR B 5 25.18 -4.33 -7.84
CA THR B 5 24.17 -4.35 -6.70
C THR B 5 23.99 -5.76 -6.10
N TYR B 6 23.92 -5.82 -4.78
CA TYR B 6 23.59 -7.04 -4.00
C TYR B 6 22.27 -6.83 -3.24
N CYS B 7 21.45 -7.87 -3.23
CA CYS B 7 20.17 -7.93 -2.47
C CYS B 7 20.09 -9.21 -1.65
N GLN B 8 19.39 -9.18 -0.51
CA GLN B 8 18.94 -10.41 0.18
C GLN B 8 18.02 -11.18 -0.76
N VAL B 9 18.14 -12.52 -0.75
CA VAL B 9 17.37 -13.44 -1.63
C VAL B 9 16.89 -14.62 -0.77
N SER B 10 15.58 -14.89 -0.85
CA SER B 10 14.90 -15.97 -0.11
C SER B 10 13.44 -16.02 -0.55
N GLN B 11 12.93 -17.23 -0.67
CA GLN B 11 11.51 -17.56 -0.94
C GLN B 11 11.15 -18.55 0.14
N THR B 12 10.21 -18.20 1.02
CA THR B 12 9.63 -19.10 2.05
C THR B 12 8.10 -19.06 1.97
N LEU B 13 7.50 -20.21 2.17
CA LEU B 13 6.04 -20.38 2.22
C LEU B 13 5.79 -21.32 3.40
N SER B 14 5.20 -20.84 4.48
CA SER B 14 5.08 -21.65 5.72
C SER B 14 3.86 -21.22 6.54
N LEU B 15 3.47 -22.10 7.46
CA LEU B 15 2.41 -21.86 8.48
C LEU B 15 3.12 -21.59 9.79
N GLU B 16 2.69 -20.56 10.50
CA GLU B 16 3.49 -19.92 11.56
C GLU B 16 2.53 -19.62 12.70
N ASP B 17 2.85 -19.98 13.94
CA ASP B 17 1.95 -19.72 15.11
C ASP B 17 1.98 -18.21 15.39
N ASP B 18 3.18 -17.63 15.53
CA ASP B 18 3.38 -16.23 15.99
C ASP B 18 4.52 -15.63 15.16
N PRO B 19 4.28 -15.43 13.85
CA PRO B 19 5.31 -14.92 12.96
C PRO B 19 5.82 -13.51 13.32
N GLY B 20 5.00 -12.69 13.99
CA GLY B 20 5.43 -11.41 14.58
C GLY B 20 6.66 -11.58 15.47
N ARG B 21 6.66 -12.61 16.32
CA ARG B 21 7.75 -12.86 17.29
C ARG B 21 8.89 -13.65 16.63
N THR B 22 8.58 -14.80 16.04
CA THR B 22 9.55 -15.91 15.78
C THR B 22 10.16 -15.84 14.37
N PHE B 23 9.50 -15.22 13.39
CA PHE B 23 9.95 -15.25 11.98
C PHE B 23 11.17 -14.33 11.81
N ASN B 24 12.30 -14.93 11.45
CA ASN B 24 13.58 -14.23 11.12
C ASN B 24 13.69 -14.13 9.60
N TRP B 25 13.53 -12.92 9.04
CA TRP B 25 13.46 -12.65 7.58
C TRP B 25 14.84 -12.32 7.00
N THR B 26 15.86 -12.14 7.86
CA THR B 26 17.26 -11.92 7.45
C THR B 26 17.69 -13.11 6.61
N SER B 27 18.15 -12.83 5.40
CA SER B 27 18.54 -13.82 4.37
C SER B 27 19.96 -13.49 3.88
N LYS B 28 20.66 -14.47 3.33
CA LYS B 28 21.94 -14.27 2.61
C LYS B 28 21.63 -13.57 1.29
N ALA B 29 22.66 -13.25 0.50
CA ALA B 29 22.62 -12.27 -0.62
C ALA B 29 22.99 -12.93 -1.94
N GLU B 30 22.53 -12.33 -3.04
CA GLU B 30 23.01 -12.62 -4.40
C GLU B 30 23.42 -11.29 -5.06
N GLN B 31 24.34 -11.35 -6.02
CA GLN B 31 24.69 -10.22 -6.91
C GLN B 31 23.58 -10.09 -7.96
N CYS B 32 23.02 -8.91 -8.11
CA CYS B 32 21.99 -8.61 -9.14
C CYS B 32 22.72 -8.30 -10.46
N ASN B 33 22.04 -8.47 -11.59
CA ASN B 33 22.43 -7.83 -12.87
C ASN B 33 22.41 -6.32 -12.66
N PRO B 34 23.09 -5.51 -13.53
CA PRO B 34 23.26 -4.08 -13.28
C PRO B 34 22.03 -3.15 -13.28
N GLY B 35 20.97 -3.43 -14.03
CA GLY B 35 19.74 -2.58 -13.95
C GLY B 35 19.16 -2.54 -12.52
N GLU B 36 19.24 -3.68 -11.83
CA GLU B 36 18.22 -4.24 -10.92
C GLU B 36 18.31 -3.56 -9.54
N LEU B 37 17.19 -3.54 -8.84
CA LEU B 37 17.12 -3.15 -7.41
C LEU B 37 16.66 -4.35 -6.57
N CYS B 38 16.56 -4.15 -5.25
CA CYS B 38 16.10 -5.16 -4.26
C CYS B 38 14.60 -4.99 -3.97
N GLN B 39 13.91 -6.06 -3.60
CA GLN B 39 12.58 -5.99 -2.96
C GLN B 39 12.51 -6.97 -1.79
N GLU B 40 11.69 -6.64 -0.80
CA GLU B 40 11.24 -7.55 0.27
C GLU B 40 9.72 -7.43 0.31
N THR B 41 9.02 -8.53 0.10
CA THR B 41 7.54 -8.58 0.05
C THR B 41 7.08 -9.75 0.91
N VAL B 42 6.18 -9.51 1.84
CA VAL B 42 5.55 -10.58 2.64
C VAL B 42 4.04 -10.42 2.58
N LEU B 43 3.34 -11.51 2.32
CA LEU B 43 1.87 -11.64 2.50
C LEU B 43 1.58 -12.57 3.69
N LEU B 44 0.75 -12.11 4.62
CA LEU B 44 0.34 -12.90 5.81
C LEU B 44 -1.16 -13.08 5.77
N ILE B 45 -1.61 -14.33 5.85
CA ILE B 45 -3.06 -14.66 5.84
C ILE B 45 -3.36 -15.56 7.04
N LYS B 46 -4.48 -15.27 7.68
CA LYS B 46 -4.93 -15.89 8.95
C LYS B 46 -6.44 -16.08 8.86
N ALA B 47 -6.98 -17.14 9.44
CA ALA B 47 -8.40 -17.23 9.77
C ALA B 47 -8.50 -17.14 11.29
N ASP B 48 -9.71 -17.02 11.81
CA ASP B 48 -9.94 -16.91 13.27
C ASP B 48 -9.29 -18.13 13.94
N GLY B 49 -8.41 -17.91 14.90
CA GLY B 49 -7.80 -18.97 15.72
C GLY B 49 -6.76 -19.83 14.99
N THR B 50 -6.45 -19.60 13.70
CA THR B 50 -5.50 -20.49 12.98
C THR B 50 -4.05 -19.99 13.08
N ARG B 51 -3.13 -20.79 12.59
CA ARG B 51 -1.80 -20.29 12.21
C ARG B 51 -1.92 -19.27 11.07
N THR B 52 -0.81 -18.59 10.81
CA THR B 52 -0.67 -17.57 9.75
C THR B 52 0.15 -18.17 8.60
N VAL B 53 -0.40 -18.08 7.39
CA VAL B 53 0.34 -18.37 6.14
C VAL B 53 1.30 -17.21 5.89
N VAL B 54 2.58 -17.50 5.70
CA VAL B 54 3.62 -16.48 5.37
C VAL B 54 4.19 -16.80 3.98
N LEU B 55 3.91 -15.92 3.01
CA LEU B 55 4.62 -15.87 1.70
C LEU B 55 5.61 -14.72 1.79
N ALA B 56 6.88 -15.05 1.94
CA ALA B 56 7.99 -14.09 2.09
C ALA B 56 8.93 -14.24 0.89
N SER B 57 9.07 -13.15 0.14
CA SER B 57 9.96 -13.03 -1.03
C SER B 57 10.98 -11.91 -0.81
N LYS B 58 12.26 -12.23 -0.94
CA LYS B 58 13.36 -11.26 -1.13
C LYS B 58 14.11 -11.62 -2.42
N SER B 59 14.42 -10.63 -3.26
CA SER B 59 15.09 -10.85 -4.57
C SER B 59 15.63 -9.55 -5.18
N CYS B 60 16.52 -9.74 -6.15
CA CYS B 60 16.82 -8.77 -7.24
C CYS B 60 15.58 -8.67 -8.11
N VAL B 61 15.27 -7.49 -8.61
CA VAL B 61 14.10 -7.30 -9.50
C VAL B 61 14.43 -6.16 -10.47
N SER B 62 13.92 -6.23 -11.71
CA SER B 62 14.18 -5.22 -12.77
C SER B 62 13.02 -4.22 -12.87
N GLN B 63 11.77 -4.63 -12.65
CA GLN B 63 10.60 -3.71 -12.77
C GLN B 63 10.29 -3.12 -11.40
N GLY B 64 9.91 -1.84 -11.37
CA GLY B 64 9.36 -1.17 -10.18
C GLY B 64 10.22 0.01 -9.73
N GLY B 65 9.60 0.99 -9.06
CA GLY B 65 10.25 2.08 -8.30
C GLY B 65 10.48 1.70 -6.85
N GLU B 66 10.89 2.64 -5.99
CA GLU B 66 11.31 2.38 -4.60
C GLU B 66 10.19 2.65 -3.57
N ALA B 67 8.97 2.28 -3.91
CA ALA B 67 7.80 2.42 -3.02
C ALA B 67 7.92 1.43 -1.86
N VAL B 68 7.45 1.85 -0.69
CA VAL B 68 7.06 0.96 0.42
C VAL B 68 5.53 0.93 0.48
N THR B 69 4.94 -0.26 0.37
CA THR B 69 3.46 -0.47 0.36
C THR B 69 3.04 -1.39 1.51
N PHE B 70 2.15 -0.92 2.38
CA PHE B 70 1.44 -1.74 3.40
C PHE B 70 -0.03 -1.81 2.95
N ILE B 71 -0.58 -3.01 2.81
CA ILE B 71 -2.01 -3.21 2.45
C ILE B 71 -2.65 -4.18 3.43
N GLN B 72 -3.81 -3.80 3.94
CA GLN B 72 -4.78 -4.71 4.56
C GLN B 72 -5.89 -4.99 3.54
N TYR B 73 -5.89 -6.18 2.95
CA TYR B 73 -6.81 -6.56 1.87
C TYR B 73 -8.16 -6.83 2.51
N THR B 74 -8.15 -7.57 3.62
CA THR B 74 -9.37 -7.98 4.35
C THR B 74 -9.13 -7.76 5.84
N ALA B 75 -10.12 -7.20 6.53
CA ALA B 75 -9.97 -6.83 7.95
C ALA B 75 -10.64 -7.87 8.86
N PRO B 76 -10.15 -8.02 10.10
CA PRO B 76 -10.84 -8.82 11.10
C PRO B 76 -12.19 -8.16 11.40
N PRO B 77 -13.14 -8.84 12.06
CA PRO B 77 -12.96 -10.21 12.54
C PRO B 77 -13.02 -11.29 11.45
N GLY B 78 -12.42 -12.44 11.72
CA GLY B 78 -12.36 -13.58 10.80
C GLY B 78 -11.06 -13.63 10.01
N LEU B 79 -11.18 -13.75 8.68
CA LEU B 79 -10.03 -13.80 7.76
C LEU B 79 -9.34 -12.44 7.77
N VAL B 80 -8.02 -12.47 7.74
CA VAL B 80 -7.13 -11.28 7.72
C VAL B 80 -6.07 -11.52 6.66
N ALA B 81 -5.90 -10.60 5.71
CA ALA B 81 -4.82 -10.65 4.71
C ALA B 81 -4.12 -9.29 4.71
N ILE B 82 -2.80 -9.29 4.90
CA ILE B 82 -1.96 -8.06 5.02
C ILE B 82 -0.67 -8.28 4.24
N SER B 83 -0.16 -7.25 3.57
CA SER B 83 1.15 -7.32 2.89
C SER B 83 1.99 -6.09 3.20
N TYR B 84 3.29 -6.33 3.27
CA TYR B 84 4.37 -5.31 3.33
C TYR B 84 5.29 -5.57 2.15
N SER B 85 5.55 -4.55 1.35
CA SER B 85 6.43 -4.60 0.14
C SER B 85 7.32 -3.36 0.11
N ASN B 86 8.63 -3.57 0.18
CA ASN B 86 9.68 -2.54 0.16
C ASN B 86 10.61 -2.84 -1.02
N TYR B 87 10.44 -2.09 -2.10
CA TYR B 87 11.38 -1.98 -3.24
C TYR B 87 12.37 -0.85 -2.95
N CYS B 88 13.66 -1.11 -3.13
CA CYS B 88 14.76 -0.21 -2.70
C CYS B 88 16.00 -0.50 -3.53
N ASN B 89 16.77 0.54 -3.78
CA ASN B 89 17.77 0.56 -4.87
C ASN B 89 19.13 0.89 -4.28
N ASP B 90 19.63 0.02 -3.42
CA ASP B 90 20.89 0.20 -2.66
C ASP B 90 21.28 -1.15 -2.07
N SER B 91 22.54 -1.56 -2.20
CA SER B 91 23.02 -2.92 -1.81
C SER B 91 22.51 -3.27 -0.42
N LEU B 92 21.87 -4.45 -0.30
CA LEU B 92 21.37 -5.05 0.97
C LEU B 92 20.33 -4.16 1.66
N CYS B 93 19.58 -3.35 0.93
CA CYS B 93 18.56 -2.44 1.50
C CYS B 93 17.33 -3.26 1.95
N ASN B 94 17.07 -4.40 1.30
CA ASN B 94 15.93 -5.30 1.63
C ASN B 94 16.33 -6.17 2.82
N ASN B 95 16.49 -5.57 3.98
CA ASN B 95 17.18 -6.14 5.16
C ASN B 95 16.23 -6.22 6.37
N LYS B 96 14.93 -6.06 6.19
CA LYS B 96 13.96 -6.24 7.30
C LYS B 96 14.17 -7.65 7.90
N ASP B 97 14.28 -7.76 9.22
CA ASP B 97 14.63 -9.02 9.91
C ASP B 97 13.38 -9.66 10.52
N SER B 98 12.36 -8.85 10.77
CA SER B 98 11.24 -9.13 11.70
C SER B 98 9.92 -8.66 11.07
N LEU B 99 8.84 -9.40 11.31
CA LEU B 99 7.48 -9.11 10.83
C LEU B 99 6.66 -8.40 11.92
N ALA B 100 7.29 -8.02 13.04
CA ALA B 100 6.58 -7.47 14.21
C ALA B 100 5.78 -6.21 13.81
N SER B 101 6.39 -5.29 13.06
CA SER B 101 5.81 -3.99 12.67
C SER B 101 4.77 -4.15 11.54
N VAL B 102 4.54 -5.37 11.06
CA VAL B 102 3.63 -5.65 9.91
C VAL B 102 2.33 -6.27 10.44
N TRP B 103 2.45 -7.16 11.43
CA TRP B 103 1.43 -8.15 11.82
C TRP B 103 1.13 -7.99 13.32
N ARG B 104 0.24 -7.06 13.69
CA ARG B 104 -0.25 -6.91 15.09
C ARG B 104 -1.58 -7.66 15.23
N SER B 115 -19.65 -12.36 19.36
CA SER B 115 -19.87 -13.71 18.76
C SER B 115 -21.37 -13.94 18.56
N GLY B 116 -21.78 -15.10 18.01
CA GLY B 116 -23.20 -15.39 17.70
C GLY B 116 -23.44 -16.77 17.10
N THR B 117 -24.60 -16.92 16.44
CA THR B 117 -25.25 -18.20 16.07
C THR B 117 -24.73 -18.76 14.74
N ARG B 118 -24.08 -17.96 13.90
CA ARG B 118 -23.62 -18.39 12.54
C ARG B 118 -22.21 -19.00 12.67
N HIS B 119 -21.92 -20.01 11.86
CA HIS B 119 -20.76 -20.94 11.97
C HIS B 119 -20.17 -21.16 10.57
N CYS B 120 -18.85 -21.26 10.46
CA CYS B 120 -18.15 -21.51 9.17
C CYS B 120 -16.98 -22.46 9.40
N PRO B 121 -16.78 -23.41 8.46
CA PRO B 121 -15.56 -24.20 8.44
C PRO B 121 -14.39 -23.21 8.37
N THR B 122 -13.37 -23.45 9.17
CA THR B 122 -12.27 -22.50 9.39
C THR B 122 -10.94 -23.23 9.26
N CYS B 123 -10.08 -22.76 8.37
CA CYS B 123 -8.70 -23.29 8.25
C CYS B 123 -7.86 -22.41 7.33
N VAL B 124 -6.58 -22.75 7.30
CA VAL B 124 -5.60 -22.19 6.35
C VAL B 124 -4.59 -23.32 6.07
N ALA B 125 -4.14 -23.50 4.84
CA ALA B 125 -3.15 -24.54 4.50
C ALA B 125 -2.45 -24.19 3.19
N LEU B 126 -1.18 -24.59 3.12
CA LEU B 126 -0.44 -24.75 1.84
C LEU B 126 -1.03 -25.99 1.19
N GLY B 127 -1.54 -25.88 -0.03
CA GLY B 127 -2.25 -26.97 -0.73
C GLY B 127 -3.71 -26.99 -0.35
N SER B 128 -4.14 -28.00 0.37
CA SER B 128 -5.55 -28.21 0.81
C SER B 128 -5.60 -28.38 2.33
N CYS B 129 -6.64 -27.85 2.97
CA CYS B 129 -6.92 -28.06 4.41
C CYS B 129 -7.21 -29.55 4.61
N SER B 130 -6.51 -30.20 5.53
CA SER B 130 -6.80 -31.60 5.93
C SER B 130 -8.02 -31.59 6.85
N SER B 131 -8.27 -30.50 7.59
CA SER B 131 -9.44 -30.32 8.48
C SER B 131 -9.85 -28.85 8.51
N ALA B 132 -11.13 -28.59 8.80
CA ALA B 132 -11.73 -27.25 8.83
C ALA B 132 -12.85 -27.25 9.85
N PRO B 133 -12.51 -27.26 11.15
CA PRO B 133 -13.51 -27.27 12.22
C PRO B 133 -14.46 -26.08 12.07
N SER B 134 -15.74 -26.31 12.37
CA SER B 134 -16.78 -25.26 12.37
C SER B 134 -16.54 -24.30 13.54
N MET B 135 -16.50 -22.99 13.28
CA MET B 135 -16.29 -21.96 14.33
C MET B 135 -17.39 -20.92 14.26
N PRO B 136 -17.79 -20.36 15.42
CA PRO B 136 -18.81 -19.32 15.43
C PRO B 136 -18.22 -18.04 14.83
N CYS B 137 -19.00 -17.36 14.01
CA CYS B 137 -18.67 -16.07 13.36
C CYS B 137 -18.93 -14.90 14.33
N ALA B 138 -17.96 -13.99 14.43
CA ALA B 138 -18.09 -12.75 15.25
C ALA B 138 -19.12 -11.82 14.61
N ASN B 139 -19.61 -10.87 15.42
CA ASN B 139 -20.43 -9.73 14.97
C ASN B 139 -19.67 -9.02 13.84
N GLY B 140 -20.32 -8.76 12.71
CA GLY B 140 -19.73 -7.98 11.62
C GLY B 140 -19.25 -8.83 10.45
N THR B 141 -19.19 -10.15 10.60
CA THR B 141 -18.89 -11.09 9.49
C THR B 141 -20.11 -11.09 8.56
N THR B 142 -19.90 -11.17 7.25
CA THR B 142 -20.95 -11.06 6.21
C THR B 142 -21.21 -12.43 5.56
N GLN B 143 -20.29 -13.40 5.68
CA GLN B 143 -20.35 -14.64 4.86
C GLN B 143 -19.41 -15.71 5.44
N CYS B 144 -19.65 -16.98 5.09
CA CYS B 144 -18.61 -18.03 5.11
C CYS B 144 -17.90 -17.97 3.78
N TYR B 145 -16.61 -18.23 3.80
CA TYR B 145 -15.71 -18.20 2.64
C TYR B 145 -14.89 -19.49 2.64
N GLN B 146 -14.82 -20.12 1.47
CA GLN B 146 -13.90 -21.24 1.14
C GLN B 146 -13.20 -20.86 -0.16
N GLY B 147 -11.92 -20.53 -0.09
CA GLY B 147 -11.18 -19.99 -1.23
C GLY B 147 -9.89 -20.72 -1.46
N ARG B 148 -9.38 -20.60 -2.69
CA ARG B 148 -8.06 -21.11 -3.12
C ARG B 148 -7.32 -19.92 -3.76
N LEU B 149 -6.10 -19.68 -3.29
CA LEU B 149 -5.25 -18.57 -3.76
C LEU B 149 -4.07 -19.19 -4.49
N GLU B 150 -3.93 -18.87 -5.78
CA GLU B 150 -2.78 -19.29 -6.61
C GLU B 150 -1.78 -18.13 -6.69
N PHE B 151 -0.56 -18.37 -6.23
CA PHE B 151 0.56 -17.42 -6.34
C PHE B 151 1.55 -17.91 -7.38
N SER B 152 2.06 -16.97 -8.17
CA SER B 152 2.97 -17.17 -9.31
C SER B 152 4.05 -16.08 -9.26
N GLY B 153 5.27 -16.37 -9.68
CA GLY B 153 6.33 -15.34 -9.79
C GLY B 153 7.14 -15.30 -8.53
N GLY B 154 8.31 -14.66 -8.58
CA GLY B 154 9.32 -14.64 -7.51
C GLY B 154 9.88 -16.04 -7.25
N GLY B 155 9.62 -16.97 -8.17
CA GLY B 155 9.95 -18.40 -8.04
C GLY B 155 9.18 -19.05 -6.91
N MET B 156 8.01 -18.54 -6.52
CA MET B 156 7.15 -19.19 -5.49
C MET B 156 5.75 -19.44 -6.06
N ASP B 157 5.66 -20.31 -7.06
CA ASP B 157 4.38 -20.96 -7.45
C ASP B 157 3.87 -21.77 -6.24
N ALA B 158 2.65 -21.50 -5.79
CA ALA B 158 2.04 -22.12 -4.60
C ALA B 158 0.53 -21.90 -4.60
N THR B 159 -0.22 -22.81 -3.97
CA THR B 159 -1.65 -22.61 -3.62
C THR B 159 -1.85 -22.63 -2.10
N VAL B 160 -2.81 -21.83 -1.68
CA VAL B 160 -3.23 -21.68 -0.26
C VAL B 160 -4.74 -21.88 -0.26
N GLN B 161 -5.23 -22.77 0.59
CA GLN B 161 -6.67 -22.87 0.86
C GLN B 161 -6.94 -22.08 2.15
N VAL B 162 -7.99 -21.25 2.13
CA VAL B 162 -8.45 -20.43 3.29
C VAL B 162 -9.97 -20.57 3.42
N LYS B 163 -10.43 -20.97 4.61
CA LYS B 163 -11.87 -21.07 4.94
C LYS B 163 -12.12 -20.33 6.25
N GLY B 164 -13.25 -19.63 6.36
CA GLY B 164 -13.68 -19.06 7.66
C GLY B 164 -14.75 -18.00 7.48
N CYS B 165 -15.29 -17.56 8.62
CA CYS B 165 -16.10 -16.33 8.75
C CYS B 165 -15.25 -15.15 8.27
N THR B 166 -15.83 -14.23 7.51
CA THR B 166 -15.08 -13.07 7.01
C THR B 166 -16.00 -11.86 6.87
N THR B 167 -15.38 -10.68 6.87
CA THR B 167 -15.97 -9.35 6.58
C THR B 167 -16.01 -9.13 5.06
N THR B 168 -15.21 -9.84 4.27
CA THR B 168 -15.13 -9.58 2.81
C THR B 168 -16.42 -10.11 2.16
N ILE B 169 -16.71 -9.61 0.96
CA ILE B 169 -17.97 -9.86 0.23
C ILE B 169 -17.60 -10.52 -1.08
N GLY B 170 -18.15 -11.72 -1.32
CA GLY B 170 -17.80 -12.58 -2.47
C GLY B 170 -16.35 -13.05 -2.38
N CYS B 171 -15.73 -13.30 -3.52
CA CYS B 171 -14.37 -13.91 -3.60
C CYS B 171 -13.32 -12.80 -3.56
N ARG B 172 -13.24 -12.07 -2.44
CA ARG B 172 -12.47 -10.80 -2.34
C ARG B 172 -11.62 -10.78 -1.06
N LEU B 173 -11.11 -11.93 -0.66
CA LEU B 173 -10.07 -12.03 0.38
C LEU B 173 -8.93 -11.10 -0.03
N MET B 174 -8.50 -11.16 -1.29
CA MET B 174 -7.35 -10.35 -1.77
C MET B 174 -7.85 -9.04 -2.42
N ALA B 175 -9.09 -8.65 -2.16
CA ALA B 175 -9.67 -7.33 -2.51
C ALA B 175 -9.50 -7.05 -4.01
N MET B 176 -9.50 -8.08 -4.85
CA MET B 176 -9.46 -7.95 -6.33
C MET B 176 -8.15 -7.28 -6.74
N ILE B 177 -7.13 -7.37 -5.90
CA ILE B 177 -5.75 -6.96 -6.27
C ILE B 177 -5.02 -8.19 -6.82
N ASP B 178 -4.43 -8.05 -8.00
CA ASP B 178 -3.84 -9.11 -8.84
C ASP B 178 -2.38 -9.36 -8.47
N SER B 179 -1.73 -8.43 -7.76
CA SER B 179 -0.28 -8.63 -7.52
C SER B 179 0.17 -8.06 -6.19
N VAL B 180 1.25 -8.66 -5.69
CA VAL B 180 1.83 -8.43 -4.34
C VAL B 180 3.33 -8.51 -4.53
N GLY B 181 3.97 -7.35 -4.61
CA GLY B 181 5.37 -7.21 -5.04
C GLY B 181 5.58 -7.98 -6.33
N PRO B 182 6.50 -8.96 -6.38
CA PRO B 182 6.79 -9.67 -7.63
C PRO B 182 5.80 -10.81 -7.92
N MET B 183 4.83 -11.03 -7.02
CA MET B 183 3.93 -12.21 -7.08
C MET B 183 2.60 -11.81 -7.72
N THR B 184 2.03 -12.68 -8.55
CA THR B 184 0.62 -12.53 -9.04
C THR B 184 -0.27 -13.48 -8.24
N VAL B 185 -1.53 -13.08 -8.08
CA VAL B 185 -2.59 -13.76 -7.27
C VAL B 185 -3.80 -13.98 -8.15
N LYS B 186 -4.27 -15.23 -8.19
CA LYS B 186 -5.63 -15.56 -8.65
C LYS B 186 -6.41 -16.09 -7.44
N GLU B 187 -7.62 -15.59 -7.26
CA GLU B 187 -8.49 -16.00 -6.14
C GLU B 187 -9.74 -16.63 -6.74
N THR B 188 -10.11 -17.82 -6.28
CA THR B 188 -11.39 -18.48 -6.62
C THR B 188 -12.01 -18.84 -5.28
N CYS B 189 -13.32 -18.84 -5.17
CA CYS B 189 -13.96 -19.18 -3.89
C CYS B 189 -15.38 -19.66 -4.09
N SER B 190 -15.90 -20.29 -3.04
CA SER B 190 -17.33 -20.37 -2.68
C SER B 190 -17.52 -19.46 -1.47
N TYR B 191 -18.70 -18.89 -1.36
CA TYR B 191 -19.09 -18.08 -0.20
C TYR B 191 -20.59 -18.27 -0.01
N GLN B 192 -21.04 -18.12 1.22
CA GLN B 192 -22.47 -18.22 1.59
C GLN B 192 -22.76 -17.00 2.45
N SER B 193 -23.44 -16.01 1.87
CA SER B 193 -23.84 -14.74 2.53
C SER B 193 -24.87 -15.02 3.62
N PHE B 194 -25.12 -14.05 4.50
CA PHE B 194 -26.00 -14.19 5.70
C PHE B 194 -27.39 -13.57 5.49
C1 NAG C . -14.28 18.71 11.60
C2 NAG C . -14.20 18.58 13.15
C3 NAG C . -15.48 17.90 13.67
C4 NAG C . -16.70 18.70 13.23
C5 NAG C . -16.69 18.74 11.69
C6 NAG C . -17.98 19.42 11.23
C7 NAG C . -12.10 18.40 14.53
C8 NAG C . -11.04 17.47 15.07
N2 NAG C . -13.00 17.86 13.66
O3 NAG C . -15.53 17.81 15.11
O4 NAG C . -17.90 18.13 13.80
O5 NAG C . -15.50 19.38 11.17
O6 NAG C . -17.81 20.04 9.95
O7 NAG C . -12.12 19.57 14.90
C1 FUC C . -18.60 20.88 9.31
C2 FUC C . -18.54 22.04 8.35
C3 FUC C . -17.45 21.71 7.32
C4 FUC C . -17.67 20.34 6.67
C5 FUC C . -18.28 19.24 7.58
C6 FUC C . -19.20 18.30 6.82
O2 FUC C . -18.30 23.23 9.13
O3 FUC C . -17.35 22.67 6.27
O4 FUC C . -18.46 20.53 5.46
O5 FUC C . -19.04 19.66 8.74
C1 NAG D . -20.43 -4.05 -2.09
C2 NAG D . -19.91 -5.19 -2.92
C3 NAG D . -20.93 -5.65 -3.95
C4 NAG D . -22.13 -6.07 -3.13
C5 NAG D . -22.64 -4.85 -2.35
C6 NAG D . -23.97 -5.07 -1.61
C7 NAG D . -17.50 -4.98 -2.79
C8 NAG D . -16.29 -4.65 -3.60
N2 NAG D . -18.64 -4.82 -3.49
O3 NAG D . -20.43 -6.75 -4.74
O4 NAG D . -23.16 -6.63 -3.99
O5 NAG D . -21.62 -4.47 -1.41
O6 NAG D . -23.98 -6.36 -0.99
O7 NAG D . -17.48 -5.36 -1.59
C1 NAG D . -23.56 -7.94 -4.16
C2 NAG D . -24.69 -8.09 -5.22
C3 NAG D . -25.17 -9.59 -5.28
C4 NAG D . -23.96 -10.44 -5.74
C5 NAG D . -22.93 -10.29 -4.58
C6 NAG D . -21.68 -11.17 -4.80
C7 NAG D . -25.85 -5.93 -5.68
C8 NAG D . -26.73 -4.84 -5.09
N2 NAG D . -25.77 -7.10 -4.98
O3 NAG D . -26.28 -9.70 -6.20
O4 NAG D . -24.34 -11.79 -6.25
O5 NAG D . -22.50 -8.87 -4.47
O6 NAG D . -20.93 -10.65 -5.94
O7 NAG D . -25.16 -5.74 -6.72
C1 FUC D . -24.81 -6.52 0.05
C2 FUC D . -24.90 -8.04 0.18
C3 FUC D . -23.63 -8.52 0.86
C4 FUC D . -23.34 -7.76 2.17
C5 FUC D . -23.41 -6.24 1.96
C6 FUC D . -23.20 -5.47 3.27
O2 FUC D . -25.07 -8.71 -1.09
O3 FUC D . -23.82 -9.89 1.10
O4 FUC D . -24.25 -8.12 3.21
O5 FUC D . -24.66 -5.92 1.35
C1 NAG E . 18.48 -14.24 12.02
C2 NAG E . 19.27 -14.29 13.33
C3 NAG E . 20.63 -13.63 13.08
C4 NAG E . 21.32 -14.32 11.91
C5 NAG E . 20.41 -14.25 10.69
C6 NAG E . 21.05 -14.76 9.41
C7 NAG E . 17.92 -14.33 15.42
C8 NAG E . 17.23 -13.46 16.42
N2 NAG E . 18.55 -13.67 14.42
O3 NAG E . 21.48 -13.73 14.22
O4 NAG E . 22.59 -13.69 11.64
O5 NAG E . 19.22 -14.96 11.00
O6 NAG E . 21.53 -16.11 9.46
O7 NAG E . 17.86 -15.55 15.53
C1 NAG E . 23.78 -14.36 11.68
C2 NAG E . 24.77 -13.52 10.83
C3 NAG E . 26.23 -13.98 10.92
C4 NAG E . 26.77 -14.15 12.37
C5 NAG E . 25.82 -15.19 12.98
C6 NAG E . 26.28 -15.43 14.43
C7 NAG E . 23.87 -12.31 8.86
C8 NAG E . 23.41 -12.38 7.43
N2 NAG E . 24.40 -13.45 9.40
O3 NAG E . 26.88 -12.87 10.24
O4 NAG E . 28.19 -14.54 12.57
O5 NAG E . 24.40 -14.76 12.96
O6 NAG E . 25.14 -15.94 15.17
O7 NAG E . 23.74 -11.29 9.54
C1 FUC E . 22.04 -16.50 8.29
C2 FUC E . 22.58 -17.81 8.92
C3 FUC E . 21.47 -18.81 9.23
C4 FUC E . 20.53 -18.99 8.04
C5 FUC E . 20.03 -17.58 7.71
C6 FUC E . 18.80 -17.64 6.79
O2 FUC E . 23.31 -17.54 10.15
O3 FUC E . 22.04 -20.06 9.58
O4 FUC E . 21.19 -19.67 6.95
O5 FUC E . 21.12 -16.76 7.22
C1 NAG F . 18.54 1.92 -9.45
C2 NAG F . 17.75 2.73 -10.48
C3 NAG F . 18.42 2.65 -11.81
C4 NAG F . 19.86 3.09 -11.62
C5 NAG F . 20.59 2.30 -10.53
C6 NAG F . 22.04 2.72 -10.27
C7 NAG F . 15.44 2.66 -9.78
C8 NAG F . 14.07 2.07 -10.03
N2 NAG F . 16.39 2.28 -10.62
O3 NAG F . 17.74 3.55 -12.69
O4 NAG F . 20.50 2.93 -12.88
O5 NAG F . 19.88 2.35 -9.30
O6 NAG F . 22.20 4.14 -10.35
O7 NAG F . 15.65 3.42 -8.85
C1 NAG F . 20.82 3.90 -13.72
C2 NAG F . 21.89 3.65 -14.80
C3 NAG F . 22.36 4.95 -15.42
C4 NAG F . 21.19 5.89 -15.74
C5 NAG F . 20.51 6.22 -14.41
C6 NAG F . 19.37 7.22 -14.53
C7 NAG F . 23.07 1.49 -14.38
C8 NAG F . 24.23 0.84 -13.65
N2 NAG F . 23.00 2.84 -14.25
O3 NAG F . 22.96 4.57 -16.65
O4 NAG F . 21.63 7.04 -16.48
O5 NAG F . 19.93 5.01 -13.91
O6 NAG F . 18.19 6.46 -14.86
O7 NAG F . 22.27 0.77 -15.01
C1 FUC F . 23.18 5.01 -10.13
C2 FUC F . 23.15 6.53 -10.31
C3 FUC F . 22.11 7.11 -9.39
C4 FUC F . 22.20 6.51 -7.98
C5 FUC F . 22.36 4.99 -7.91
C6 FUC F . 22.68 4.57 -6.48
O2 FUC F . 22.81 6.94 -11.64
O3 FUC F . 22.23 8.56 -9.44
O4 FUC F . 23.30 7.10 -7.32
O5 FUC F . 23.35 4.47 -8.82
S SO4 G . -9.57 9.53 12.43
O1 SO4 G . -9.31 8.13 12.14
O2 SO4 G . -9.40 9.77 13.85
O3 SO4 G . -8.65 10.35 11.68
O4 SO4 G . -10.93 9.85 12.06
S SO4 H . 26.22 22.44 -5.91
O1 SO4 H . 27.43 21.65 -5.93
O2 SO4 H . 26.33 23.45 -4.88
O3 SO4 H . 26.06 23.07 -7.18
O4 SO4 H . 25.09 21.58 -5.66
S SO4 I . 18.72 -17.89 2.87
O1 SO4 I . 19.83 -18.21 3.73
O2 SO4 I . 17.57 -17.52 3.67
O3 SO4 I . 19.09 -16.80 2.01
O4 SO4 I . 18.40 -19.05 2.07
#